data_7KSJ
#
_entry.id   7KSJ
#
_cell.length_a   51.451
_cell.length_b   71.237
_cell.length_c   107.804
_cell.angle_alpha   90.000
_cell.angle_beta   90.000
_cell.angle_gamma   90.000
#
_symmetry.space_group_name_H-M   'P 21 21 21'
#
loop_
_entity.id
_entity.type
_entity.pdbx_description
1 polymer 'Mitogen-activated protein kinase 10'
2 non-polymer 4-(4-{[(2-chloro-6-fluorophenyl)carbamoyl]amino}-1H-pyrazol-1-yl)-N-(oxetan-3-yl)thiophene-2-carboxamide
3 water water
#
_entity_poly.entity_id   1
_entity_poly.type   'polypeptide(L)'
_entity_poly.pdbx_seq_one_letter_code
;MSLHFLYYCSEPTLDVKIAFCQGFDKQVDVSYIAKHYNMSKSKVDNQFYSVEVGDSTFTVLKRYQNLKPIGSGAQGIVCA
AYDAVLDRNVAIKKLSRPFQNQTHAKRAYRELVLMKCVNHKNIISLLNVFTPQKTLEEFQDVYLVMELMDANLCQVIQME
LDHERMSYLLYQMLCGIKHLHSAGIIHRDLKPSNIVVKSDCTLKILDFGLARTAGTSFMMTPYVVTRYYRAPEVILGMGY
KENVDIWSVGCIMGEMVRHKILFPGRDYIDQWNKVIEQLGTPCPEFMKKLQPTVRNYVENRPKYAGLTFPKLFPDSLFPA
DSEHNKLKASQARDLLSKMLVIDPAKRISVDDALQHPYINVWYDPAEVEAPPPQIYDKQLDEREHTIEEWKELIYKEVMN
SEEKTKNGVVKGQPSPSGAAVNSSESLPPSSSVNDISSMSTDQTLASDTDSSLEASAGPLGCCR
;
_entity_poly.pdbx_strand_id   A
#
# COMPACT_ATOMS: atom_id res chain seq x y z
N ASP A 45 19.65 34.91 0.70
CA ASP A 45 20.25 34.67 2.01
C ASP A 45 19.39 33.71 2.85
N ASN A 46 18.04 33.74 2.71
CA ASN A 46 17.18 32.81 3.42
C ASN A 46 17.38 31.40 2.84
N GLN A 47 17.37 30.37 3.70
CA GLN A 47 17.58 28.97 3.30
C GLN A 47 16.40 28.37 2.54
N PHE A 48 15.19 28.97 2.61
CA PHE A 48 14.00 28.45 1.94
C PHE A 48 13.41 29.46 0.96
N TYR A 49 12.52 29.00 0.09
CA TYR A 49 11.80 29.84 -0.86
C TYR A 49 10.40 29.20 -1.12
N SER A 50 9.42 30.08 -1.39
CA SER A 50 8.00 29.78 -1.55
C SER A 50 7.55 29.74 -3.02
N VAL A 51 6.89 28.64 -3.44
CA VAL A 51 6.34 28.47 -4.79
C VAL A 51 4.94 27.85 -4.70
N GLU A 52 4.00 28.31 -5.54
CA GLU A 52 2.62 27.84 -5.51
C GLU A 52 2.41 26.72 -6.52
N VAL A 53 2.28 25.47 -6.04
CA VAL A 53 2.06 24.32 -6.91
C VAL A 53 0.56 24.05 -6.97
N GLY A 54 -0.08 24.62 -7.99
CA GLY A 54 -1.53 24.54 -8.14
C GLY A 54 -2.11 25.51 -7.11
N ASP A 55 -2.73 24.97 -6.06
CA ASP A 55 -3.24 25.79 -4.95
C ASP A 55 -2.70 25.25 -3.61
N SER A 56 -1.39 24.88 -3.60
CA SER A 56 -0.67 24.40 -2.42
C SER A 56 0.72 25.05 -2.35
N THR A 57 0.95 25.92 -1.36
CA THR A 57 2.23 26.62 -1.16
C THR A 57 3.34 25.71 -0.64
N PHE A 58 4.35 25.42 -1.47
CA PHE A 58 5.52 24.63 -1.09
C PHE A 58 6.67 25.59 -0.71
N THR A 59 7.15 25.52 0.54
CA THR A 59 8.29 26.32 1.02
C THR A 59 9.39 25.31 1.29
N VAL A 60 10.35 25.20 0.34
CA VAL A 60 11.40 24.19 0.38
C VAL A 60 12.81 24.76 0.44
N LEU A 61 13.78 23.88 0.78
CA LEU A 61 15.21 24.19 0.77
C LEU A 61 15.61 24.56 -0.68
N LYS A 62 16.52 25.55 -0.82
CA LYS A 62 16.94 26.10 -2.13
C LYS A 62 17.56 25.09 -3.09
N ARG A 63 18.10 23.99 -2.55
CA ARG A 63 18.60 22.86 -3.34
C ARG A 63 17.48 22.26 -4.22
N TYR A 64 16.22 22.30 -3.77
CA TYR A 64 15.10 21.74 -4.54
C TYR A 64 14.62 22.80 -5.53
N GLN A 65 14.76 22.51 -6.84
CA GLN A 65 14.39 23.44 -7.90
C GLN A 65 13.39 22.80 -8.88
N ASN A 66 12.69 23.63 -9.66
CA ASN A 66 11.73 23.17 -10.67
C ASN A 66 10.66 22.21 -10.12
N LEU A 67 9.80 22.73 -9.23
CA LEU A 67 8.73 21.88 -8.67
C LEU A 67 7.58 21.67 -9.68
N LYS A 68 7.05 20.46 -9.75
CA LYS A 68 5.96 20.13 -10.68
C LYS A 68 4.96 19.19 -9.98
N PRO A 69 3.64 19.42 -10.06
CA PRO A 69 2.70 18.49 -9.38
C PRO A 69 2.67 17.12 -10.04
N ILE A 70 2.69 16.03 -9.25
CA ILE A 70 2.67 14.65 -9.77
C ILE A 70 1.65 13.72 -9.06
N GLY A 71 0.99 14.19 -8.00
CA GLY A 71 0.01 13.39 -7.28
C GLY A 71 -0.60 14.12 -6.11
N SER A 72 -1.81 13.72 -5.70
CA SER A 72 -2.53 14.33 -4.59
C SER A 72 -3.11 13.25 -3.69
N GLY A 73 -2.30 12.76 -2.75
CA GLY A 73 -2.71 11.72 -1.82
C GLY A 73 -3.64 12.20 -0.72
N ALA A 74 -4.17 11.25 0.04
CA ALA A 74 -5.07 11.56 1.15
C ALA A 74 -4.35 12.21 2.35
N GLN A 75 -3.01 12.08 2.44
CA GLN A 75 -2.20 12.62 3.53
C GLN A 75 -1.57 13.97 3.14
N GLY A 76 -1.12 14.10 1.90
CA GLY A 76 -0.52 15.34 1.43
C GLY A 76 -0.34 15.40 -0.08
N ILE A 77 0.09 16.58 -0.57
CA ILE A 77 0.33 16.82 -1.99
C ILE A 77 1.81 16.58 -2.29
N VAL A 78 2.11 16.02 -3.48
CA VAL A 78 3.45 15.63 -3.84
C VAL A 78 3.96 16.30 -5.12
N CYS A 79 5.23 16.70 -5.12
CA CYS A 79 5.88 17.33 -6.27
C CYS A 79 7.08 16.57 -6.78
N ALA A 80 7.47 16.85 -8.01
CA ALA A 80 8.72 16.39 -8.59
C ALA A 80 9.64 17.61 -8.50
N ALA A 81 10.92 17.40 -8.25
CA ALA A 81 11.90 18.50 -8.17
C ALA A 81 13.31 18.00 -8.47
N TYR A 82 14.17 18.90 -8.92
CA TYR A 82 15.57 18.55 -9.15
C TYR A 82 16.34 18.95 -7.89
N ASP A 83 17.11 18.01 -7.34
CA ASP A 83 17.90 18.28 -6.13
C ASP A 83 19.28 18.69 -6.64
N ALA A 84 19.74 19.90 -6.27
CA ALA A 84 21.04 20.43 -6.69
C ALA A 84 22.23 19.76 -6.01
N VAL A 85 22.07 19.23 -4.79
CA VAL A 85 23.18 18.64 -4.04
C VAL A 85 23.42 17.21 -4.52
N LEU A 86 22.38 16.38 -4.50
CA LEU A 86 22.52 14.99 -4.96
C LEU A 86 22.56 14.84 -6.50
N ASP A 87 22.23 15.93 -7.25
CA ASP A 87 22.25 15.95 -8.71
C ASP A 87 21.30 14.90 -9.25
N ARG A 88 20.09 14.88 -8.70
CA ARG A 88 19.09 13.89 -9.09
C ARG A 88 17.69 14.38 -8.80
N ASN A 89 16.70 13.82 -9.51
CA ASN A 89 15.30 14.19 -9.35
C ASN A 89 14.71 13.44 -8.17
N VAL A 90 13.87 14.14 -7.41
CA VAL A 90 13.28 13.68 -6.17
C VAL A 90 11.78 14.03 -6.12
N ALA A 91 11.05 13.39 -5.20
CA ALA A 91 9.64 13.66 -4.93
C ALA A 91 9.58 14.34 -3.57
N ILE A 92 8.80 15.44 -3.46
CA ILE A 92 8.62 16.17 -2.20
C ILE A 92 7.18 16.03 -1.76
N LYS A 93 6.94 15.66 -0.50
CA LYS A 93 5.58 15.52 0.04
C LYS A 93 5.44 16.50 1.16
N LYS A 94 4.36 17.26 1.16
CA LYS A 94 4.07 18.21 2.21
C LYS A 94 2.93 17.66 3.08
N LEU A 95 3.10 17.71 4.41
CA LEU A 95 2.08 17.34 5.40
C LEU A 95 1.66 18.67 6.01
N SER A 96 0.45 19.16 5.71
CA SER A 96 -0.03 20.44 6.22
C SER A 96 -0.60 20.23 7.62
N ARG A 97 0.05 20.84 8.65
CA ARG A 97 -0.38 20.71 10.06
C ARG A 97 -0.72 19.25 10.43
N PRO A 98 0.25 18.32 10.29
CA PRO A 98 -0.06 16.90 10.56
C PRO A 98 -0.63 16.63 11.95
N PHE A 99 -0.36 17.54 12.89
CA PHE A 99 -0.81 17.45 14.29
C PHE A 99 -2.27 17.89 14.51
N GLN A 100 -2.97 18.42 13.48
CA GLN A 100 -4.34 18.94 13.59
C GLN A 100 -5.42 17.95 14.10
N ASN A 101 -5.22 16.64 13.99
CA ASN A 101 -6.16 15.65 14.51
C ASN A 101 -5.45 14.30 14.77
N GLN A 102 -6.09 13.39 15.53
CA GLN A 102 -5.50 12.10 15.90
C GLN A 102 -5.09 11.26 14.70
N THR A 103 -5.95 11.16 13.68
CA THR A 103 -5.69 10.34 12.51
C THR A 103 -4.50 10.90 11.75
N HIS A 104 -4.46 12.22 11.57
CA HIS A 104 -3.36 12.85 10.88
C HIS A 104 -2.07 12.68 11.68
N ALA A 105 -2.11 12.94 12.99
CA ALA A 105 -0.94 12.86 13.87
C ALA A 105 -0.34 11.46 14.02
N LYS A 106 -1.17 10.43 14.29
CA LYS A 106 -0.64 9.08 14.49
C LYS A 106 0.03 8.55 13.24
N ARG A 107 -0.47 8.92 12.05
CA ARG A 107 0.11 8.49 10.78
C ARG A 107 1.40 9.26 10.47
N ALA A 108 1.39 10.58 10.66
CA ALA A 108 2.59 11.39 10.41
C ALA A 108 3.75 10.99 11.33
N TYR A 109 3.48 10.79 12.62
CA TYR A 109 4.51 10.40 13.59
C TYR A 109 4.95 8.96 13.35
N ARG A 110 3.98 8.02 13.21
CA ARG A 110 4.25 6.60 12.97
C ARG A 110 5.11 6.38 11.73
N GLU A 111 4.81 7.06 10.61
CA GLU A 111 5.58 6.86 9.38
C GLU A 111 6.99 7.42 9.51
N LEU A 112 7.16 8.58 10.16
CA LEU A 112 8.50 9.13 10.38
C LEU A 112 9.35 8.18 11.23
N VAL A 113 8.73 7.52 12.24
CA VAL A 113 9.43 6.56 13.10
C VAL A 113 9.82 5.31 12.30
N LEU A 114 8.85 4.67 11.61
CA LEU A 114 9.09 3.45 10.84
C LEU A 114 10.08 3.66 9.68
N MET A 115 10.07 4.83 9.01
CA MET A 115 11.00 5.08 7.92
C MET A 115 12.44 5.16 8.42
N LYS A 116 12.65 5.70 9.62
CA LYS A 116 13.97 5.84 10.23
C LYS A 116 14.71 4.49 10.46
N CYS A 117 13.99 3.34 10.40
CA CYS A 117 14.58 2.03 10.66
C CYS A 117 14.45 1.01 9.52
N VAL A 118 13.32 0.97 8.76
CA VAL A 118 13.17 -0.02 7.67
C VAL A 118 14.15 0.29 6.54
N ASN A 119 14.79 -0.75 6.03
CA ASN A 119 15.81 -0.62 4.99
C ASN A 119 15.59 -1.71 3.91
N HIS A 120 14.92 -1.35 2.80
CA HIS A 120 14.64 -2.30 1.73
C HIS A 120 14.40 -1.58 0.42
N LYS A 121 14.72 -2.26 -0.69
CA LYS A 121 14.54 -1.72 -2.03
C LYS A 121 13.05 -1.58 -2.39
N ASN A 122 12.19 -2.49 -1.91
CA ASN A 122 10.75 -2.42 -2.21
C ASN A 122 9.93 -1.66 -1.16
N ILE A 123 10.59 -0.93 -0.25
CA ILE A 123 9.96 -0.10 0.76
C ILE A 123 10.59 1.27 0.64
N ILE A 124 9.76 2.30 0.74
CA ILE A 124 10.23 3.67 0.61
C ILE A 124 11.35 4.03 1.59
N SER A 125 12.34 4.77 1.10
CA SER A 125 13.46 5.29 1.87
C SER A 125 13.39 6.79 1.83
N LEU A 126 13.80 7.44 2.90
CA LEU A 126 13.77 8.90 2.97
C LEU A 126 15.14 9.46 2.69
N LEU A 127 15.24 10.30 1.66
CA LEU A 127 16.46 11.03 1.34
C LEU A 127 16.58 12.23 2.31
N ASN A 128 15.44 12.82 2.74
CA ASN A 128 15.47 13.97 3.61
C ASN A 128 14.11 14.21 4.29
N VAL A 129 14.16 14.95 5.41
CA VAL A 129 13.04 15.43 6.19
C VAL A 129 13.38 16.88 6.63
N PHE A 130 12.42 17.80 6.54
CA PHE A 130 12.68 19.19 6.91
C PHE A 130 11.39 19.98 7.15
N THR A 131 11.51 21.07 7.90
CA THR A 131 10.44 22.03 8.19
C THR A 131 11.00 23.44 7.95
N PRO A 132 10.29 24.36 7.24
CA PRO A 132 10.82 25.73 7.11
C PRO A 132 10.80 26.51 8.42
N GLN A 133 10.04 26.03 9.42
CA GLN A 133 9.86 26.69 10.71
C GLN A 133 11.02 26.45 11.66
N LYS A 134 11.43 27.53 12.37
CA LYS A 134 12.59 27.55 13.25
C LYS A 134 12.35 27.12 14.69
N THR A 135 11.10 27.26 15.18
CA THR A 135 10.77 26.91 16.55
C THR A 135 9.55 25.96 16.62
N LEU A 136 9.30 25.37 17.80
CA LEU A 136 8.16 24.50 18.04
C LEU A 136 6.87 25.32 17.87
N GLU A 137 6.84 26.56 18.40
CA GLU A 137 5.67 27.44 18.35
C GLU A 137 5.24 27.78 16.91
N GLU A 138 6.18 28.11 16.03
CA GLU A 138 5.87 28.45 14.64
C GLU A 138 5.68 27.21 13.73
N PHE A 139 6.05 26.02 14.24
CA PHE A 139 6.05 24.76 13.50
C PHE A 139 4.66 24.38 12.94
N GLN A 140 4.56 24.21 11.61
CA GLN A 140 3.29 23.91 10.94
C GLN A 140 3.38 22.71 9.98
N ASP A 141 4.31 22.77 9.01
CA ASP A 141 4.40 21.80 7.93
C ASP A 141 5.67 20.98 7.95
N VAL A 142 5.58 19.75 7.49
CA VAL A 142 6.74 18.89 7.34
C VAL A 142 6.83 18.46 5.88
N TYR A 143 8.06 18.45 5.36
CA TYR A 143 8.33 18.05 3.98
C TYR A 143 9.22 16.80 3.98
N LEU A 144 8.79 15.76 3.24
CA LEU A 144 9.51 14.49 3.12
C LEU A 144 10.05 14.38 1.69
N VAL A 145 11.31 13.95 1.55
CA VAL A 145 11.98 13.82 0.26
C VAL A 145 12.34 12.34 0.03
N MET A 146 12.08 11.83 -1.17
CA MET A 146 12.45 10.47 -1.59
C MET A 146 12.91 10.50 -3.06
N GLU A 147 13.44 9.37 -3.62
CA GLU A 147 13.78 9.32 -5.03
C GLU A 147 12.49 9.50 -5.85
N LEU A 148 12.57 10.23 -6.95
CA LEU A 148 11.41 10.43 -7.80
C LEU A 148 11.20 9.14 -8.58
N MET A 149 9.96 8.62 -8.57
CA MET A 149 9.57 7.44 -9.34
C MET A 149 8.87 7.91 -10.62
N ASP A 150 8.49 6.99 -11.52
CA ASP A 150 7.85 7.36 -12.77
C ASP A 150 6.34 7.20 -12.84
N ALA A 151 5.71 6.35 -12.01
CA ALA A 151 4.27 6.14 -12.12
C ALA A 151 3.67 5.46 -10.91
N ASN A 152 2.38 5.66 -10.72
CA ASN A 152 1.63 5.02 -9.67
C ASN A 152 1.23 3.63 -10.18
N LEU A 153 1.16 2.62 -9.31
CA LEU A 153 0.73 1.28 -9.72
C LEU A 153 -0.70 1.30 -10.30
N CYS A 154 -1.52 2.33 -10.01
CA CYS A 154 -2.86 2.47 -10.61
C CYS A 154 -2.74 2.61 -12.13
N GLN A 155 -1.76 3.42 -12.58
CA GLN A 155 -1.47 3.65 -14.00
C GLN A 155 -1.00 2.34 -14.66
N VAL A 156 -0.17 1.56 -13.96
CA VAL A 156 0.40 0.30 -14.47
C VAL A 156 -0.68 -0.81 -14.62
N ILE A 157 -1.63 -0.86 -13.69
CA ILE A 157 -2.73 -1.80 -13.75
C ILE A 157 -3.58 -1.61 -15.01
N GLN A 158 -3.64 -0.39 -15.58
CA GLN A 158 -4.43 -0.15 -16.78
C GLN A 158 -3.76 -0.63 -18.06
N MET A 159 -2.48 -1.03 -17.99
CA MET A 159 -1.72 -1.51 -19.11
C MET A 159 -1.83 -3.02 -19.24
N GLU A 160 -1.83 -3.48 -20.49
CA GLU A 160 -1.83 -4.90 -20.83
C GLU A 160 -0.37 -5.32 -20.67
N LEU A 161 0.05 -5.69 -19.46
CA LEU A 161 1.43 -6.11 -19.20
C LEU A 161 1.62 -7.58 -19.57
N ASP A 162 2.83 -7.93 -20.01
CA ASP A 162 3.18 -9.32 -20.25
C ASP A 162 3.41 -10.05 -18.90
N HIS A 163 3.52 -11.39 -18.95
CA HIS A 163 3.77 -12.19 -17.75
C HIS A 163 5.09 -11.80 -17.04
N GLU A 164 6.14 -11.45 -17.79
CA GLU A 164 7.43 -11.09 -17.20
C GLU A 164 7.35 -9.85 -16.29
N ARG A 165 6.60 -8.82 -16.70
CA ARG A 165 6.45 -7.61 -15.92
C ARG A 165 5.47 -7.85 -14.78
N MET A 166 4.33 -8.49 -15.08
CA MET A 166 3.33 -8.81 -14.07
C MET A 166 3.93 -9.64 -12.93
N SER A 167 4.71 -10.68 -13.24
CA SER A 167 5.34 -11.50 -12.21
C SER A 167 6.46 -10.78 -11.48
N TYR A 168 7.16 -9.82 -12.12
CA TYR A 168 8.24 -9.09 -11.45
C TYR A 168 7.67 -8.02 -10.46
N LEU A 169 6.52 -7.40 -10.78
CA LEU A 169 5.86 -6.46 -9.89
C LEU A 169 5.30 -7.22 -8.69
N LEU A 170 4.63 -8.36 -8.90
CA LEU A 170 4.07 -9.14 -7.81
C LEU A 170 5.18 -9.66 -6.91
N TYR A 171 6.33 -10.11 -7.49
CA TYR A 171 7.49 -10.56 -6.72
C TYR A 171 7.95 -9.50 -5.73
N GLN A 172 8.11 -8.27 -6.20
CA GLN A 172 8.62 -7.18 -5.39
C GLN A 172 7.64 -6.76 -4.30
N MET A 173 6.35 -6.79 -4.59
CA MET A 173 5.33 -6.48 -3.60
C MET A 173 5.41 -7.45 -2.43
N LEU A 174 5.67 -8.74 -2.71
CA LEU A 174 5.82 -9.77 -1.69
C LEU A 174 7.10 -9.63 -0.90
N CYS A 175 8.20 -9.20 -1.55
CA CYS A 175 9.47 -8.97 -0.87
C CYS A 175 9.34 -7.78 0.09
N GLY A 176 8.69 -6.71 -0.36
CA GLY A 176 8.43 -5.56 0.48
C GLY A 176 7.60 -5.92 1.69
N ILE A 177 6.47 -6.62 1.49
CA ILE A 177 5.59 -7.09 2.57
C ILE A 177 6.35 -8.00 3.52
N LYS A 178 7.20 -8.91 3.00
CA LYS A 178 7.94 -9.85 3.86
C LYS A 178 8.96 -9.12 4.73
N HIS A 179 9.53 -8.00 4.25
CA HIS A 179 10.47 -7.22 5.04
C HIS A 179 9.70 -6.47 6.12
N LEU A 180 8.56 -5.85 5.77
CA LEU A 180 7.71 -5.19 6.78
C LEU A 180 7.30 -6.20 7.88
N HIS A 181 6.96 -7.41 7.48
CA HIS A 181 6.61 -8.48 8.41
C HIS A 181 7.81 -8.85 9.30
N SER A 182 9.01 -8.99 8.67
CA SER A 182 10.28 -9.26 9.36
C SER A 182 10.58 -8.19 10.43
N ALA A 183 10.15 -6.93 10.18
CA ALA A 183 10.33 -5.81 11.10
C ALA A 183 9.15 -5.61 12.08
N GLY A 184 8.23 -6.57 12.17
CA GLY A 184 7.08 -6.48 13.06
C GLY A 184 6.05 -5.46 12.61
N ILE A 185 5.72 -5.44 11.32
CA ILE A 185 4.77 -4.50 10.72
C ILE A 185 3.86 -5.23 9.75
N ILE A 186 2.65 -5.54 10.18
CA ILE A 186 1.65 -6.14 9.30
C ILE A 186 0.87 -4.91 8.76
N HIS A 187 0.84 -4.73 7.45
CA HIS A 187 0.28 -3.55 6.79
C HIS A 187 -1.27 -3.40 6.96
N ARG A 188 -2.06 -4.31 6.38
CA ARG A 188 -3.52 -4.34 6.48
C ARG A 188 -4.25 -3.35 5.58
N ASP A 189 -3.53 -2.46 4.87
CA ASP A 189 -4.21 -1.52 3.98
C ASP A 189 -3.39 -1.22 2.75
N LEU A 190 -2.81 -2.26 2.16
CA LEU A 190 -2.01 -2.14 0.95
C LEU A 190 -2.95 -1.97 -0.27
N LYS A 191 -2.71 -0.93 -1.06
CA LYS A 191 -3.50 -0.60 -2.25
C LYS A 191 -2.58 -0.02 -3.37
N PRO A 192 -3.00 -0.12 -4.64
CA PRO A 192 -2.16 0.38 -5.74
C PRO A 192 -1.74 1.84 -5.69
N SER A 193 -2.56 2.72 -5.09
CA SER A 193 -2.26 4.15 -5.02
C SER A 193 -1.09 4.46 -4.08
N ASN A 194 -0.75 3.58 -3.13
CA ASN A 194 0.41 3.78 -2.27
C ASN A 194 1.57 2.86 -2.68
N ILE A 195 1.68 2.57 -3.99
CA ILE A 195 2.73 1.78 -4.60
C ILE A 195 3.10 2.52 -5.90
N VAL A 196 4.41 2.74 -6.10
CA VAL A 196 4.98 3.48 -7.21
C VAL A 196 6.00 2.59 -7.94
N VAL A 197 6.21 2.89 -9.22
CA VAL A 197 7.00 2.05 -10.13
C VAL A 197 7.93 2.92 -11.00
N LYS A 198 9.07 2.34 -11.39
CA LYS A 198 10.03 2.96 -12.30
C LYS A 198 9.84 2.35 -13.68
N SER A 199 10.38 3.00 -14.73
CA SER A 199 10.30 2.47 -16.08
C SER A 199 11.02 1.13 -16.19
N ASP A 200 12.08 0.90 -15.39
CA ASP A 200 12.76 -0.40 -15.32
C ASP A 200 12.00 -1.41 -14.40
N CYS A 201 10.65 -1.31 -14.30
CA CYS A 201 9.78 -2.22 -13.55
C CYS A 201 10.07 -2.33 -12.04
N THR A 202 11.00 -1.53 -11.44
CA THR A 202 11.23 -1.59 -9.98
C THR A 202 10.06 -0.94 -9.26
N LEU A 203 9.71 -1.50 -8.11
CA LEU A 203 8.53 -1.14 -7.35
C LEU A 203 8.84 -0.80 -5.90
N LYS A 204 8.15 0.21 -5.34
CA LYS A 204 8.32 0.61 -3.94
C LYS A 204 6.98 0.89 -3.29
N ILE A 205 6.78 0.39 -2.05
CA ILE A 205 5.56 0.61 -1.27
C ILE A 205 5.79 1.87 -0.43
N LEU A 206 4.84 2.81 -0.47
CA LEU A 206 4.97 4.12 0.21
C LEU A 206 4.47 4.20 1.67
N ASP A 207 3.37 3.54 2.06
CA ASP A 207 2.84 3.68 3.42
C ASP A 207 3.17 2.43 4.31
N PHE A 208 2.69 2.42 5.56
CA PHE A 208 2.92 1.33 6.50
C PHE A 208 1.63 0.74 7.08
N GLY A 209 0.47 1.08 6.54
CA GLY A 209 -0.80 0.48 6.95
C GLY A 209 -1.61 1.16 8.02
N LEU A 210 -2.55 0.40 8.59
CA LEU A 210 -3.45 0.88 9.61
C LEU A 210 -2.76 1.13 10.98
N ALA A 211 -3.43 1.89 11.85
CA ALA A 211 -2.93 2.15 13.19
C ALA A 211 -3.12 0.89 14.07
N SER A 217 -10.21 7.27 13.21
CA SER A 217 -11.20 6.71 12.30
C SER A 217 -11.91 7.84 11.52
N PHE A 218 -12.48 8.82 12.24
CA PHE A 218 -13.20 9.94 11.62
C PHE A 218 -12.28 10.95 10.92
N MET A 219 -12.53 11.18 9.61
CA MET A 219 -11.82 12.17 8.80
C MET A 219 -12.90 13.14 8.32
N MET A 220 -12.79 14.42 8.67
CA MET A 220 -13.79 15.42 8.29
C MET A 220 -13.35 16.16 7.04
N THR A 221 -13.17 15.43 5.93
CA THR A 221 -12.71 16.02 4.66
C THR A 221 -13.56 15.55 3.46
N PRO A 222 -13.31 16.06 2.23
CA PRO A 222 -14.08 15.59 1.07
C PRO A 222 -13.57 14.27 0.47
N TYR A 223 -12.27 13.94 0.66
CA TYR A 223 -11.68 12.72 0.09
C TYR A 223 -11.87 11.51 1.02
N VAL A 224 -12.43 10.41 0.48
CA VAL A 224 -12.69 9.19 1.26
C VAL A 224 -11.70 8.08 0.87
N VAL A 225 -11.28 7.30 1.86
CA VAL A 225 -10.27 6.24 1.70
C VAL A 225 -10.76 5.03 0.86
N THR A 226 -9.83 4.43 0.13
CA THR A 226 -10.11 3.26 -0.72
C THR A 226 -10.00 2.03 0.15
N ARG A 227 -11.11 1.27 0.28
CA ARG A 227 -11.18 0.06 1.09
C ARG A 227 -11.32 -1.25 0.26
N TYR A 228 -11.30 -1.16 -1.07
CA TYR A 228 -11.49 -2.30 -1.98
C TYR A 228 -10.46 -3.44 -1.85
N TYR A 229 -9.22 -3.16 -1.39
CA TYR A 229 -8.14 -4.17 -1.28
C TYR A 229 -7.97 -4.75 0.14
N ARG A 230 -8.89 -4.42 1.07
CA ARG A 230 -8.81 -4.88 2.45
C ARG A 230 -9.32 -6.29 2.58
N ALA A 231 -8.67 -7.07 3.46
CA ALA A 231 -9.03 -8.47 3.63
C ALA A 231 -10.36 -8.68 4.26
N PRO A 232 -11.00 -9.86 4.10
CA PRO A 232 -12.24 -10.13 4.89
C PRO A 232 -12.02 -9.93 6.40
N GLU A 233 -10.83 -10.31 6.94
CA GLU A 233 -10.53 -10.13 8.38
C GLU A 233 -10.68 -8.65 8.77
N VAL A 234 -10.27 -7.74 7.87
CA VAL A 234 -10.37 -6.32 8.16
C VAL A 234 -11.82 -5.84 7.98
N ILE A 235 -12.48 -6.22 6.88
CA ILE A 235 -13.87 -5.82 6.64
C ILE A 235 -14.79 -6.21 7.83
N LEU A 236 -14.63 -7.44 8.31
CA LEU A 236 -15.44 -7.99 9.38
C LEU A 236 -14.87 -7.77 10.78
N GLY A 237 -13.82 -6.94 10.93
CA GLY A 237 -13.22 -6.62 12.23
C GLY A 237 -12.88 -7.85 13.06
N MET A 238 -12.13 -8.75 12.44
CA MET A 238 -11.80 -10.08 12.93
C MET A 238 -10.28 -10.28 12.90
N GLY A 239 -9.64 -10.41 14.07
CA GLY A 239 -8.21 -10.64 14.27
C GLY A 239 -7.36 -11.04 13.06
N TYR A 240 -6.11 -10.54 12.99
CA TYR A 240 -5.26 -10.78 11.82
C TYR A 240 -3.83 -11.32 12.13
N LYS A 241 -3.16 -11.78 11.06
CA LYS A 241 -1.77 -12.25 11.04
C LYS A 241 -1.15 -11.91 9.65
N GLU A 242 0.17 -12.10 9.51
CA GLU A 242 0.96 -11.80 8.31
C GLU A 242 0.21 -11.90 6.96
N ASN A 243 -0.40 -13.06 6.65
CA ASN A 243 -1.06 -13.27 5.36
C ASN A 243 -2.31 -12.40 5.09
N VAL A 244 -2.66 -11.44 5.98
CA VAL A 244 -3.78 -10.52 5.72
C VAL A 244 -3.48 -9.68 4.45
N ASP A 245 -2.18 -9.33 4.23
CA ASP A 245 -1.70 -8.55 3.09
C ASP A 245 -1.68 -9.37 1.78
N ILE A 246 -1.63 -10.70 1.88
CA ILE A 246 -1.71 -11.59 0.71
C ILE A 246 -3.04 -11.35 -0.01
N TRP A 247 -4.14 -11.19 0.75
CA TRP A 247 -5.44 -10.88 0.16
C TRP A 247 -5.38 -9.60 -0.74
N SER A 248 -4.74 -8.54 -0.23
CA SER A 248 -4.56 -7.28 -0.95
C SER A 248 -3.70 -7.47 -2.23
N VAL A 249 -2.67 -8.33 -2.17
CA VAL A 249 -1.84 -8.65 -3.33
C VAL A 249 -2.72 -9.32 -4.43
N GLY A 250 -3.62 -10.21 -4.02
CA GLY A 250 -4.56 -10.90 -4.89
C GLY A 250 -5.56 -9.96 -5.53
N CYS A 251 -6.07 -8.96 -4.77
CA CYS A 251 -7.00 -7.93 -5.29
C CYS A 251 -6.29 -7.09 -6.39
N ILE A 252 -4.98 -6.85 -6.24
CA ILE A 252 -4.16 -6.11 -7.18
C ILE A 252 -3.90 -6.97 -8.41
N MET A 253 -3.45 -8.21 -8.20
CA MET A 253 -3.18 -9.18 -9.26
C MET A 253 -4.40 -9.45 -10.13
N GLY A 254 -5.57 -9.59 -9.52
CA GLY A 254 -6.79 -9.82 -10.27
C GLY A 254 -7.16 -8.59 -11.08
N GLU A 255 -6.97 -7.39 -10.49
CA GLU A 255 -7.29 -6.16 -11.21
C GLU A 255 -6.28 -5.93 -12.37
N MET A 256 -5.02 -6.37 -12.21
CA MET A 256 -4.02 -6.33 -13.27
C MET A 256 -4.53 -7.14 -14.49
N VAL A 257 -5.17 -8.28 -14.24
CA VAL A 257 -5.70 -9.18 -15.26
C VAL A 257 -7.02 -8.65 -15.86
N ARG A 258 -8.02 -8.34 -15.00
CA ARG A 258 -9.38 -7.97 -15.39
C ARG A 258 -9.60 -6.51 -15.70
N HIS A 259 -8.67 -5.64 -15.31
CA HIS A 259 -8.73 -4.19 -15.54
C HIS A 259 -9.96 -3.52 -14.94
N LYS A 260 -10.45 -4.07 -13.83
CA LYS A 260 -11.58 -3.51 -13.10
C LYS A 260 -11.46 -3.94 -11.63
N ILE A 261 -11.87 -3.07 -10.67
CA ILE A 261 -11.76 -3.38 -9.23
C ILE A 261 -12.57 -4.64 -8.92
N LEU A 262 -11.96 -5.64 -8.29
CA LEU A 262 -12.64 -6.90 -8.00
C LEU A 262 -13.79 -6.73 -6.99
N PHE A 263 -13.57 -5.96 -5.93
CA PHE A 263 -14.57 -5.82 -4.89
C PHE A 263 -14.98 -4.36 -4.70
N PRO A 264 -15.72 -3.78 -5.66
CA PRO A 264 -16.19 -2.40 -5.48
C PRO A 264 -17.30 -2.25 -4.42
N GLY A 265 -17.59 -1.02 -4.00
CA GLY A 265 -18.66 -0.80 -3.03
C GLY A 265 -18.69 0.53 -2.31
N ARG A 266 -19.91 1.01 -2.04
CA ARG A 266 -20.09 2.25 -1.29
C ARG A 266 -19.52 2.10 0.12
N ASP A 267 -19.78 0.94 0.75
CA ASP A 267 -19.36 0.62 2.12
C ASP A 267 -18.99 -0.88 2.18
N TYR A 268 -18.63 -1.38 3.37
CA TYR A 268 -18.34 -2.80 3.54
C TYR A 268 -19.54 -3.69 3.26
N ILE A 269 -20.78 -3.16 3.21
CA ILE A 269 -21.98 -3.95 2.95
C ILE A 269 -21.95 -4.38 1.47
N ASP A 270 -21.89 -3.40 0.56
CA ASP A 270 -21.78 -3.67 -0.87
C ASP A 270 -20.50 -4.47 -1.17
N GLN A 271 -19.41 -4.22 -0.42
CA GLN A 271 -18.14 -4.91 -0.63
C GLN A 271 -18.22 -6.42 -0.32
N TRP A 272 -18.74 -6.80 0.85
CA TRP A 272 -18.86 -8.22 1.21
C TRP A 272 -19.74 -8.96 0.21
N ASN A 273 -20.77 -8.28 -0.34
CA ASN A 273 -21.63 -8.80 -1.40
C ASN A 273 -20.77 -9.24 -2.61
N LYS A 274 -19.79 -8.42 -3.04
CA LYS A 274 -18.91 -8.78 -4.17
C LYS A 274 -17.93 -9.96 -3.89
N VAL A 275 -17.49 -10.14 -2.64
CA VAL A 275 -16.55 -11.22 -2.27
C VAL A 275 -17.25 -12.59 -2.23
N ILE A 276 -18.50 -12.66 -1.75
CA ILE A 276 -19.24 -13.93 -1.71
C ILE A 276 -19.89 -14.25 -3.05
N GLU A 277 -20.35 -13.25 -3.83
CA GLU A 277 -20.96 -13.54 -5.13
C GLU A 277 -19.96 -14.23 -6.07
N GLN A 278 -18.69 -13.77 -6.05
CA GLN A 278 -17.61 -14.29 -6.89
C GLN A 278 -16.89 -15.50 -6.30
N LEU A 279 -16.45 -15.47 -5.03
CA LEU A 279 -15.69 -16.56 -4.41
C LEU A 279 -16.51 -17.57 -3.59
N GLY A 280 -17.78 -17.27 -3.35
CA GLY A 280 -18.65 -18.16 -2.59
C GLY A 280 -18.72 -17.84 -1.11
N THR A 281 -19.81 -18.27 -0.48
CA THR A 281 -20.00 -18.09 0.96
C THR A 281 -18.99 -19.02 1.66
N PRO A 282 -18.19 -18.51 2.63
CA PRO A 282 -17.16 -19.36 3.24
C PRO A 282 -17.69 -20.56 4.03
N CYS A 283 -16.80 -21.56 4.20
CA CYS A 283 -17.10 -22.83 4.87
C CYS A 283 -17.52 -22.65 6.35
N PRO A 284 -18.15 -23.67 6.98
CA PRO A 284 -18.52 -23.52 8.40
C PRO A 284 -17.32 -23.31 9.31
N GLU A 285 -16.12 -23.79 8.93
CA GLU A 285 -14.91 -23.59 9.73
C GLU A 285 -14.63 -22.08 9.95
N PHE A 286 -14.83 -21.28 8.89
CA PHE A 286 -14.63 -19.83 8.94
C PHE A 286 -15.72 -19.10 9.71
N MET A 287 -16.98 -19.52 9.56
CA MET A 287 -18.10 -18.91 10.29
C MET A 287 -17.97 -19.15 11.81
N LYS A 288 -17.29 -20.25 12.21
CA LYS A 288 -17.07 -20.64 13.60
C LYS A 288 -15.93 -19.84 14.27
N LYS A 289 -15.59 -18.65 13.75
CA LYS A 289 -14.57 -17.76 14.34
C LYS A 289 -14.87 -16.26 14.07
N LEU A 290 -16.11 -15.93 13.67
CA LEU A 290 -16.57 -14.54 13.55
C LEU A 290 -17.13 -14.13 14.93
N GLN A 291 -17.18 -12.81 15.23
CA GLN A 291 -17.79 -12.35 16.48
C GLN A 291 -19.31 -12.65 16.42
N PRO A 292 -20.02 -12.84 17.56
CA PRO A 292 -21.44 -13.22 17.47
C PRO A 292 -22.34 -12.34 16.59
N THR A 293 -22.19 -11.01 16.72
CA THR A 293 -23.01 -10.05 15.96
C THR A 293 -22.67 -10.08 14.47
N VAL A 294 -21.38 -10.06 14.12
CA VAL A 294 -20.94 -10.11 12.73
C VAL A 294 -21.26 -11.48 12.10
N ARG A 295 -21.23 -12.57 12.90
CA ARG A 295 -21.56 -13.93 12.48
C ARG A 295 -23.01 -14.05 12.01
N ASN A 296 -23.96 -13.42 12.74
CA ASN A 296 -25.37 -13.47 12.34
C ASN A 296 -25.61 -12.65 11.07
N TYR A 297 -24.78 -11.63 10.77
CA TYR A 297 -24.93 -10.84 9.57
C TYR A 297 -24.53 -11.68 8.37
N VAL A 298 -23.30 -12.22 8.43
CA VAL A 298 -22.68 -13.01 7.38
C VAL A 298 -23.45 -14.34 7.13
N GLU A 299 -23.84 -15.05 8.20
CA GLU A 299 -24.64 -16.29 8.03
C GLU A 299 -26.04 -16.00 7.49
N ASN A 300 -26.58 -14.78 7.72
CA ASN A 300 -27.92 -14.43 7.22
C ASN A 300 -27.87 -14.02 5.73
N ARG A 301 -26.69 -13.66 5.19
CA ARG A 301 -26.57 -13.26 3.79
C ARG A 301 -26.90 -14.41 2.87
N PRO A 302 -27.51 -14.15 1.68
CA PRO A 302 -27.81 -15.27 0.76
C PRO A 302 -26.57 -16.11 0.44
N LYS A 303 -26.73 -17.43 0.29
CA LYS A 303 -25.60 -18.30 0.01
C LYS A 303 -25.30 -18.37 -1.48
N TYR A 304 -23.99 -18.43 -1.84
CA TYR A 304 -23.50 -18.55 -3.20
C TYR A 304 -22.47 -19.67 -3.28
N ALA A 305 -22.50 -20.46 -4.36
CA ALA A 305 -21.53 -21.54 -4.55
C ALA A 305 -20.14 -20.95 -4.85
N GLY A 306 -20.10 -19.88 -5.63
CA GLY A 306 -18.85 -19.21 -6.00
C GLY A 306 -18.41 -19.64 -7.37
N LEU A 307 -18.02 -18.69 -8.21
CA LEU A 307 -17.57 -18.95 -9.57
C LEU A 307 -16.14 -19.50 -9.55
N THR A 308 -15.85 -20.51 -10.38
CA THR A 308 -14.51 -21.08 -10.42
C THR A 308 -13.52 -20.02 -10.95
N PHE A 309 -12.23 -20.18 -10.65
CA PHE A 309 -11.23 -19.19 -11.04
C PHE A 309 -11.02 -19.08 -12.58
N PRO A 310 -11.20 -20.13 -13.41
CA PRO A 310 -11.18 -19.90 -14.86
C PRO A 310 -12.43 -19.12 -15.32
N LYS A 311 -13.59 -19.23 -14.63
CA LYS A 311 -14.77 -18.42 -15.00
C LYS A 311 -14.52 -16.95 -14.62
N LEU A 312 -13.95 -16.72 -13.43
CA LEU A 312 -13.63 -15.37 -12.98
C LEU A 312 -12.51 -14.73 -13.79
N PHE A 313 -11.52 -15.54 -14.19
CA PHE A 313 -10.36 -15.07 -14.92
C PHE A 313 -10.10 -15.97 -16.13
N PRO A 314 -10.95 -15.89 -17.18
CA PRO A 314 -10.76 -16.79 -18.33
C PRO A 314 -9.48 -16.60 -19.12
N ASP A 315 -9.20 -17.59 -19.98
CA ASP A 315 -8.02 -17.63 -20.85
C ASP A 315 -7.92 -16.36 -21.71
N SER A 316 -9.08 -15.76 -22.06
CA SER A 316 -9.20 -14.54 -22.87
C SER A 316 -8.42 -13.36 -22.25
N LEU A 317 -8.46 -13.23 -20.93
CA LEU A 317 -7.79 -12.12 -20.23
C LEU A 317 -6.26 -12.23 -20.13
N PHE A 318 -5.69 -13.43 -20.41
CA PHE A 318 -4.24 -13.64 -20.33
C PHE A 318 -3.62 -13.74 -21.73
N PRO A 319 -2.33 -13.35 -21.91
CA PRO A 319 -1.68 -13.57 -23.21
C PRO A 319 -1.58 -15.08 -23.47
N ALA A 320 -2.07 -15.54 -24.64
CA ALA A 320 -2.11 -16.98 -24.95
C ALA A 320 -1.60 -17.27 -26.36
N ASP A 321 -0.66 -16.46 -26.86
CA ASP A 321 -0.13 -16.63 -28.22
C ASP A 321 0.95 -17.75 -28.37
N SER A 322 1.39 -18.38 -27.26
CA SER A 322 2.43 -19.41 -27.30
C SER A 322 2.27 -20.42 -26.16
N GLU A 323 3.06 -21.49 -26.17
CA GLU A 323 3.04 -22.50 -25.12
C GLU A 323 3.51 -21.89 -23.80
N HIS A 324 4.59 -21.09 -23.82
CA HIS A 324 5.10 -20.38 -22.63
C HIS A 324 3.99 -19.58 -21.91
N ASN A 325 3.21 -18.80 -22.68
CA ASN A 325 2.10 -17.99 -22.17
C ASN A 325 0.92 -18.82 -21.72
N LYS A 326 0.64 -19.98 -22.34
CA LYS A 326 -0.44 -20.88 -21.91
C LYS A 326 -0.12 -21.39 -20.50
N LEU A 327 1.15 -21.77 -20.27
CA LEU A 327 1.59 -22.27 -18.97
C LEU A 327 1.58 -21.16 -17.92
N LYS A 328 2.10 -19.97 -18.27
CA LYS A 328 2.11 -18.85 -17.33
C LYS A 328 0.71 -18.36 -16.97
N ALA A 329 -0.28 -18.52 -17.87
CA ALA A 329 -1.67 -18.18 -17.56
C ALA A 329 -2.22 -19.13 -16.48
N SER A 330 -1.95 -20.45 -16.60
CA SER A 330 -2.39 -21.43 -15.61
C SER A 330 -1.68 -21.23 -14.27
N GLN A 331 -0.40 -20.80 -14.31
CA GLN A 331 0.36 -20.55 -13.09
C GLN A 331 -0.12 -19.28 -12.38
N ALA A 332 -0.46 -18.22 -13.13
CA ALA A 332 -1.01 -17.00 -12.56
C ALA A 332 -2.41 -17.26 -11.98
N ARG A 333 -3.22 -18.07 -12.68
CA ARG A 333 -4.58 -18.42 -12.22
C ARG A 333 -4.50 -19.34 -10.99
N ASP A 334 -3.49 -20.22 -10.91
CA ASP A 334 -3.30 -21.05 -9.73
C ASP A 334 -3.02 -20.18 -8.49
N LEU A 335 -2.14 -19.17 -8.63
CA LEU A 335 -1.76 -18.26 -7.55
C LEU A 335 -2.91 -17.36 -7.13
N LEU A 336 -3.70 -16.83 -8.09
CA LEU A 336 -4.86 -15.98 -7.78
C LEU A 336 -5.85 -16.75 -6.91
N SER A 337 -6.05 -18.06 -7.22
CA SER A 337 -6.93 -18.94 -6.47
C SER A 337 -6.41 -19.32 -5.09
N LYS A 338 -5.10 -19.18 -4.85
CA LYS A 338 -4.48 -19.44 -3.54
C LYS A 338 -4.41 -18.14 -2.71
N MET A 339 -4.37 -16.95 -3.38
CA MET A 339 -4.33 -15.66 -2.69
C MET A 339 -5.74 -15.17 -2.37
N LEU A 340 -6.68 -15.24 -3.32
CA LEU A 340 -8.05 -14.79 -3.06
C LEU A 340 -8.87 -15.89 -2.37
N VAL A 341 -8.50 -16.23 -1.12
CA VAL A 341 -9.18 -17.24 -0.29
C VAL A 341 -9.72 -16.50 0.91
N ILE A 342 -11.04 -16.59 1.16
CA ILE A 342 -11.65 -15.86 2.24
C ILE A 342 -11.07 -16.25 3.61
N ASP A 343 -10.83 -17.55 3.83
CA ASP A 343 -10.28 -18.01 5.11
C ASP A 343 -8.75 -17.79 5.19
N PRO A 344 -8.22 -16.97 6.13
CA PRO A 344 -6.76 -16.83 6.24
C PRO A 344 -6.03 -18.10 6.67
N ALA A 345 -6.67 -18.99 7.45
CA ALA A 345 -6.08 -20.27 7.83
C ALA A 345 -5.76 -21.14 6.60
N LYS A 346 -6.54 -20.99 5.50
CA LYS A 346 -6.33 -21.72 4.24
C LYS A 346 -5.68 -20.86 3.14
N ARG A 347 -5.55 -19.52 3.35
CA ARG A 347 -4.93 -18.62 2.39
C ARG A 347 -3.41 -18.82 2.39
N ILE A 348 -2.79 -18.59 1.24
CA ILE A 348 -1.36 -18.83 1.05
C ILE A 348 -0.46 -17.92 1.85
N SER A 349 0.67 -18.48 2.32
CA SER A 349 1.70 -17.78 3.08
C SER A 349 2.45 -16.81 2.15
N VAL A 350 3.16 -15.83 2.73
CA VAL A 350 3.99 -14.90 1.97
C VAL A 350 5.23 -15.67 1.44
N ASP A 351 5.80 -16.61 2.26
CA ASP A 351 6.95 -17.42 1.86
C ASP A 351 6.56 -18.41 0.76
N ASP A 352 5.36 -19.00 0.86
CA ASP A 352 4.86 -19.93 -0.13
C ASP A 352 4.51 -19.15 -1.40
N ALA A 353 3.96 -17.93 -1.28
CA ALA A 353 3.64 -17.09 -2.45
C ALA A 353 4.91 -16.82 -3.27
N LEU A 354 6.02 -16.54 -2.57
CA LEU A 354 7.32 -16.28 -3.21
C LEU A 354 7.92 -17.53 -3.86
N GLN A 355 7.71 -18.71 -3.28
CA GLN A 355 8.20 -19.97 -3.84
C GLN A 355 7.24 -20.60 -4.92
N HIS A 356 6.09 -19.92 -5.22
CA HIS A 356 5.14 -20.39 -6.24
C HIS A 356 5.81 -20.31 -7.64
N PRO A 357 5.56 -21.24 -8.59
CA PRO A 357 6.25 -21.14 -9.90
C PRO A 357 6.12 -19.80 -10.63
N TYR A 358 4.95 -19.14 -10.59
CA TYR A 358 4.78 -17.85 -11.26
C TYR A 358 5.71 -16.75 -10.71
N ILE A 359 6.10 -16.85 -9.41
CA ILE A 359 6.93 -15.84 -8.75
C ILE A 359 8.41 -16.22 -8.56
N ASN A 360 8.73 -17.48 -8.24
CA ASN A 360 10.11 -17.87 -7.93
C ASN A 360 11.13 -17.76 -9.08
N VAL A 361 10.74 -17.25 -10.25
CA VAL A 361 11.69 -17.04 -11.35
C VAL A 361 12.61 -15.81 -11.09
N TRP A 362 12.28 -14.94 -10.11
CA TRP A 362 13.06 -13.73 -9.78
C TRP A 362 13.87 -13.83 -8.49
N TYR A 363 13.93 -15.02 -7.85
CA TYR A 363 14.64 -15.21 -6.58
C TYR A 363 16.16 -14.90 -6.60
N ASP A 364 16.64 -14.27 -5.53
CA ASP A 364 18.05 -13.92 -5.30
C ASP A 364 18.31 -13.85 -3.77
N PRO A 365 19.43 -14.38 -3.21
CA PRO A 365 19.61 -14.33 -1.74
C PRO A 365 19.48 -12.95 -1.06
N ALA A 366 20.04 -11.89 -1.66
CA ALA A 366 20.00 -10.54 -1.08
C ALA A 366 18.72 -9.74 -1.47
N GLU A 367 17.63 -10.44 -1.88
CA GLU A 367 16.36 -9.79 -2.27
C GLU A 367 15.16 -10.57 -1.70
N VAL A 368 15.23 -10.91 -0.39
CA VAL A 368 14.17 -11.66 0.30
C VAL A 368 14.22 -11.43 1.81
N GLU A 369 15.41 -11.50 2.40
CA GLU A 369 15.63 -11.29 3.84
C GLU A 369 16.60 -10.13 4.08
N ALA A 370 16.56 -9.54 5.29
CA ALA A 370 17.44 -8.44 5.69
C ALA A 370 17.60 -8.41 7.22
N PRO A 371 18.75 -7.95 7.76
CA PRO A 371 18.92 -7.97 9.22
C PRO A 371 17.95 -7.05 9.98
N PRO A 372 17.12 -7.59 10.89
CA PRO A 372 16.18 -6.74 11.63
C PRO A 372 16.86 -5.89 12.71
N PRO A 373 16.17 -4.86 13.26
CA PRO A 373 16.80 -4.04 14.30
C PRO A 373 16.91 -4.76 15.65
N GLN A 379 11.03 1.89 22.60
CA GLN A 379 10.04 2.93 22.33
C GLN A 379 9.29 2.62 21.04
N LEU A 380 8.29 1.73 21.12
CA LEU A 380 7.52 1.27 19.95
C LEU A 380 6.17 2.02 19.75
N ASP A 381 6.24 3.26 19.22
CA ASP A 381 5.09 4.11 18.89
C ASP A 381 4.26 4.58 20.11
N GLU A 382 3.45 5.64 19.91
CA GLU A 382 2.58 6.24 20.93
C GLU A 382 1.18 6.51 20.37
N ARG A 383 0.18 6.66 21.26
CA ARG A 383 -1.21 6.94 20.89
C ARG A 383 -1.95 7.74 21.96
N GLU A 384 -3.00 8.47 21.53
CA GLU A 384 -3.82 9.34 22.39
C GLU A 384 -3.01 10.48 22.98
N HIS A 385 -2.98 11.61 22.27
CA HIS A 385 -2.27 12.82 22.68
C HIS A 385 -3.07 14.04 22.25
N THR A 386 -2.88 15.17 22.93
CA THR A 386 -3.55 16.41 22.55
C THR A 386 -2.95 16.95 21.22
N ILE A 387 -3.40 18.12 20.72
CA ILE A 387 -2.85 18.69 19.48
C ILE A 387 -1.39 19.04 19.73
N GLU A 388 -1.12 19.73 20.85
CA GLU A 388 0.19 20.23 21.24
C GLU A 388 1.17 19.10 21.56
N GLU A 389 0.70 18.04 22.21
CA GLU A 389 1.55 16.90 22.52
C GLU A 389 1.97 16.20 21.21
N TRP A 390 1.03 16.03 20.26
CA TRP A 390 1.33 15.42 18.95
C TRP A 390 2.28 16.30 18.13
N LYS A 391 2.08 17.62 18.17
CA LYS A 391 2.93 18.61 17.47
C LYS A 391 4.38 18.46 17.95
N GLU A 392 4.57 18.36 19.28
CA GLU A 392 5.89 18.23 19.90
C GLU A 392 6.53 16.89 19.55
N LEU A 393 5.77 15.78 19.60
CA LEU A 393 6.31 14.47 19.24
C LEU A 393 6.78 14.45 17.77
N ILE A 394 5.98 15.02 16.86
CA ILE A 394 6.31 15.08 15.42
C ILE A 394 7.51 15.99 15.21
N TYR A 395 7.55 17.14 15.91
CA TYR A 395 8.67 18.07 15.80
C TYR A 395 9.99 17.40 16.21
N LYS A 396 9.95 16.53 17.24
CA LYS A 396 11.13 15.80 17.72
C LYS A 396 11.71 14.92 16.62
N GLU A 397 10.87 14.16 15.91
CA GLU A 397 11.34 13.30 14.83
C GLU A 397 11.91 14.11 13.68
N VAL A 398 11.34 15.28 13.36
CA VAL A 398 11.82 16.12 12.27
C VAL A 398 13.25 16.65 12.50
N MET A 399 13.65 16.93 13.75
CA MET A 399 14.98 17.48 14.02
C MET A 399 15.82 16.57 14.94
N ASN A 400 15.59 15.23 14.84
CA ASN A 400 16.28 14.19 15.60
C ASN A 400 16.31 14.44 17.11
#